data_4B7N
#
_entry.id   4B7N
#
_cell.length_a   118.350
_cell.length_b   118.350
_cell.length_c   68.380
_cell.angle_alpha   90.00
_cell.angle_beta   90.00
_cell.angle_gamma   90.00
#
_symmetry.space_group_name_H-M   'P 4 21 2'
#
loop_
_entity.id
_entity.type
_entity.pdbx_description
1 polymer NEURAMINIDASE
2 non-polymer 2-acetamido-2-deoxy-beta-D-glucopyranose
3 non-polymer ZANAMIVIR
4 non-polymer 'CALCIUM ION'
5 water water
#
_entity_poly.entity_id   1
_entity_poly.type   'polypeptide(L)'
_entity_poly.pdbx_seq_one_letter_code
;MNPNQKIITIGSVCMTIGMANLILQIGNIISIWISHSIQLGNQNQIETCNQSVITYENNTWVNQTYVNISNTNFAAGQSV
VSVKLAGNSSLCPVSGWAIYSKDNSIRIGSKGDVFVIREPFISCSPLECRTFFLTQGALLNDKHSNGTIKDRSPYRTLMS
CPIGEVPSPYNSRFESVAWSASACHDGINWLTIGISGPDNGAVAVLKYNGIITDTIKSWRNNRLRTQESECACVNGSCFT
VMTDGPSDGQASYKIFRIEKGKIVKSVEMNAPNYHYEECSCYPDSSEITCVCRDNWHGSNRPWVSFNQNLEYQIGYICSG
IFGDNPRPNDKTGSCGPVSSNGANGVKGFSFKYGNGVWIGRTKSISSRNGFEMIWDPNGWTGTDNDFSIKQDIVGINEWS
GYSGSFVQHPELTGLDCIRPCFWVELIRGRPKENTIWTSGSSISFCGVNSDTVGWSWPDGAELPFTIDK
;
_entity_poly.pdbx_strand_id   A
#
loop_
_chem_comp.id
_chem_comp.type
_chem_comp.name
_chem_comp.formula
CA non-polymer 'CALCIUM ION' 'Ca 2'
NAG D-saccharide, beta linking 2-acetamido-2-deoxy-beta-D-glucopyranose 'C8 H15 N O6'
ZMR D-saccharide ZANAMIVIR 'C12 H20 N4 O7'
#
# COMPACT_ATOMS: atom_id res chain seq x y z
N VAL A 83 24.34 -2.14 -8.81
CA VAL A 83 23.92 -3.19 -9.80
C VAL A 83 22.40 -3.39 -9.74
N LYS A 84 21.80 -3.68 -10.90
CA LYS A 84 20.34 -3.85 -11.01
C LYS A 84 19.84 -5.04 -10.18
N LEU A 85 18.64 -4.90 -9.62
CA LEU A 85 17.99 -6.00 -8.92
C LEU A 85 17.51 -7.01 -9.96
N ALA A 86 17.90 -8.27 -9.76
CA ALA A 86 17.58 -9.33 -10.72
C ALA A 86 16.09 -9.64 -10.73
N GLY A 87 15.53 -9.96 -9.58
CA GLY A 87 14.10 -10.27 -9.44
C GLY A 87 13.65 -11.59 -10.03
N ASN A 88 14.59 -12.51 -10.26
CA ASN A 88 14.30 -13.82 -10.84
C ASN A 88 13.92 -14.91 -9.82
N SER A 89 14.31 -14.73 -8.56
CA SER A 89 14.06 -15.74 -7.53
C SER A 89 12.63 -15.71 -7.01
N SER A 90 12.25 -16.78 -6.30
CA SER A 90 10.91 -16.94 -5.75
C SER A 90 10.75 -16.17 -4.44
N LEU A 91 9.56 -16.25 -3.85
CA LEU A 91 9.32 -15.70 -2.52
C LEU A 91 9.78 -16.70 -1.47
N CYS A 92 10.38 -16.20 -0.39
CA CYS A 92 10.82 -17.04 0.73
C CYS A 92 9.63 -17.69 1.41
N PRO A 93 9.78 -18.97 1.81
CA PRO A 93 8.73 -19.63 2.60
C PRO A 93 8.55 -18.92 3.94
N VAL A 94 7.30 -18.61 4.27
CA VAL A 94 6.96 -17.84 5.47
C VAL A 94 5.91 -18.57 6.32
N SER A 95 6.21 -18.72 7.60
CA SER A 95 5.27 -19.33 8.56
C SER A 95 4.72 -18.32 9.57
N GLY A 96 5.40 -17.18 9.69
CA GLY A 96 5.01 -16.14 10.64
C GLY A 96 5.64 -14.78 10.34
N TRP A 97 5.20 -13.76 11.06
CA TRP A 97 5.61 -12.38 10.78
C TRP A 97 6.21 -11.72 11.99
N ALA A 98 7.50 -11.42 11.90
CA ALA A 98 8.24 -10.77 12.98
C ALA A 98 8.16 -9.26 12.85
N ILE A 99 8.03 -8.56 13.97
CA ILE A 99 7.91 -7.11 13.95
C ILE A 99 9.24 -6.44 13.54
N TYR A 100 9.14 -5.54 12.57
CA TYR A 100 10.30 -4.90 11.97
C TYR A 100 10.48 -3.47 12.46
N SER A 101 9.40 -2.67 12.40
CA SER A 101 9.47 -1.27 12.81
C SER A 101 8.18 -0.72 13.43
N LYS A 102 8.35 0.27 14.30
CA LYS A 102 7.25 1.08 14.82
C LYS A 102 7.78 2.49 15.10
N ASP A 103 7.12 3.49 14.53
CA ASP A 103 7.61 4.87 14.62
C ASP A 103 7.05 5.68 15.79
N ASN A 104 5.83 5.37 16.22
CA ASN A 104 5.12 6.10 17.29
C ASN A 104 4.87 7.57 16.94
N SER A 105 4.52 7.83 15.68
CA SER A 105 4.39 9.18 15.13
C SER A 105 3.46 10.13 15.88
N ILE A 106 2.24 9.67 16.17
CA ILE A 106 1.22 10.52 16.79
C ILE A 106 1.52 10.81 18.26
N ARG A 107 2.05 9.81 18.97
CA ARG A 107 2.45 9.96 20.37
C ARG A 107 3.57 10.98 20.54
N ILE A 108 4.55 10.91 19.65
CA ILE A 108 5.68 11.83 19.64
C ILE A 108 5.27 13.19 19.08
N GLY A 109 4.37 13.17 18.10
CA GLY A 109 3.84 14.39 17.48
C GLY A 109 3.02 15.27 18.41
N SER A 110 2.65 14.72 19.57
CA SER A 110 1.93 15.45 20.62
C SER A 110 2.71 16.68 21.10
N LYS A 111 4.03 16.55 21.15
CA LYS A 111 4.92 17.66 21.56
C LYS A 111 5.95 17.97 20.49
N GLY A 112 6.45 16.93 19.83
CA GLY A 112 7.49 17.06 18.81
C GLY A 112 6.96 17.64 17.51
N ASP A 113 7.89 18.05 16.65
CA ASP A 113 7.54 18.57 15.33
C ASP A 113 7.46 17.45 14.31
N VAL A 114 6.26 16.87 14.20
CA VAL A 114 6.02 15.73 13.33
C VAL A 114 4.94 16.09 12.31
N PHE A 115 5.21 15.79 11.04
CA PHE A 115 4.26 16.01 9.95
C PHE A 115 2.92 15.34 10.18
N VAL A 116 1.85 16.02 9.77
CA VAL A 116 0.55 15.40 9.63
C VAL A 116 0.58 14.64 8.31
N ILE A 117 0.45 13.31 8.39
CA ILE A 117 0.58 12.48 7.20
C ILE A 117 -0.55 11.48 7.05
N ARG A 118 -0.66 10.93 5.86
CA ARG A 118 -1.40 9.71 5.61
C ARG A 118 -0.78 8.97 4.42
N GLU A 119 -1.30 7.78 4.13
CA GLU A 119 -0.79 6.94 3.04
C GLU A 119 0.72 6.71 3.11
N PRO A 120 1.22 6.15 4.24
CA PRO A 120 2.64 5.86 4.29
C PRO A 120 2.95 4.51 3.64
N PHE A 121 4.18 4.33 3.18
CA PHE A 121 4.62 3.03 2.67
C PHE A 121 6.13 2.88 2.78
N ILE A 122 6.59 1.63 2.76
CA ILE A 122 8.01 1.33 2.88
C ILE A 122 8.57 0.77 1.58
N SER A 123 9.77 1.20 1.22
CA SER A 123 10.48 0.65 0.08
C SER A 123 11.96 0.56 0.43
N CYS A 124 12.63 -0.44 -0.13
CA CYS A 124 14.03 -0.69 0.20
C CYS A 124 14.94 -0.59 -1.02
N SER A 125 16.13 -0.01 -0.80
CA SER A 125 17.21 -0.04 -1.77
C SER A 125 18.14 -1.21 -1.41
N PRO A 126 19.24 -1.41 -2.15
CA PRO A 126 20.23 -2.42 -1.74
C PRO A 126 20.97 -2.07 -0.43
N LEU A 127 20.82 -0.84 0.05
CA LEU A 127 21.52 -0.39 1.25
C LEU A 127 20.61 -0.17 2.46
N GLU A 128 19.45 0.45 2.23
CA GLU A 128 18.54 0.81 3.33
C GLU A 128 17.07 0.71 2.95
N CYS A 129 16.21 0.61 3.96
CA CYS A 129 14.76 0.70 3.78
C CYS A 129 14.28 2.05 4.28
N ARG A 130 13.42 2.69 3.50
CA ARG A 130 12.91 4.02 3.82
C ARG A 130 11.40 4.03 4.00
N THR A 131 10.89 4.95 4.82
CA THR A 131 9.46 5.15 4.98
C THR A 131 9.02 6.34 4.15
N PHE A 132 8.19 6.08 3.14
CA PHE A 132 7.61 7.13 2.31
C PHE A 132 6.24 7.49 2.89
N PHE A 133 5.82 8.73 2.70
CA PHE A 133 4.56 9.22 3.26
C PHE A 133 4.07 10.48 2.54
N LEU A 134 2.76 10.67 2.52
CA LEU A 134 2.17 11.89 1.96
C LEU A 134 1.82 12.87 3.08
N THR A 135 2.54 13.99 3.12
CA THR A 135 2.31 15.02 4.13
C THR A 135 1.07 15.85 3.79
N GLN A 136 0.60 16.61 4.77
CA GLN A 136 -0.48 17.56 4.55
C GLN A 136 0.08 18.98 4.60
N GLY A 137 1.41 19.08 4.61
CA GLY A 137 2.11 20.36 4.69
C GLY A 137 1.86 21.08 6.01
N ALA A 138 1.72 20.30 7.08
CA ALA A 138 1.40 20.83 8.41
C ALA A 138 1.88 19.89 9.51
N LEU A 139 2.11 20.45 10.69
CA LEU A 139 2.55 19.65 11.85
C LEU A 139 1.38 19.29 12.75
N LEU A 140 1.52 18.18 13.48
CA LEU A 140 0.54 17.78 14.49
C LEU A 140 0.50 18.78 15.64
N ASN A 141 -0.70 18.98 16.18
CA ASN A 141 -0.97 19.91 17.27
C ASN A 141 -0.75 21.38 16.87
N ASP A 142 -0.87 21.64 15.57
CA ASP A 142 -0.82 22.99 15.02
C ASP A 142 -2.12 23.27 14.26
N LYS A 143 -2.50 24.55 14.18
CA LYS A 143 -3.77 24.95 13.57
C LYS A 143 -3.90 24.58 12.09
N HIS A 144 -2.77 24.42 11.40
CA HIS A 144 -2.77 24.10 9.97
C HIS A 144 -3.15 22.66 9.68
N SER A 145 -3.29 21.87 10.74
CA SER A 145 -3.77 20.49 10.60
C SER A 145 -5.29 20.43 10.52
N ASN A 146 -5.94 21.61 10.56
CA ASN A 146 -7.39 21.73 10.47
C ASN A 146 -7.88 21.28 9.09
N GLY A 147 -8.84 20.34 9.10
CA GLY A 147 -9.46 19.84 7.87
C GLY A 147 -8.59 18.89 7.07
N THR A 148 -7.67 18.19 7.74
CA THR A 148 -6.73 17.30 7.05
C THR A 148 -7.31 15.92 6.71
N ILE A 149 -8.61 15.75 6.94
CA ILE A 149 -9.33 14.58 6.43
C ILE A 149 -9.46 14.68 4.91
N LYS A 150 -9.34 15.90 4.40
CA LYS A 150 -9.37 16.19 2.97
C LYS A 150 -8.25 15.43 2.28
N ASP A 151 -8.59 14.73 1.19
CA ASP A 151 -7.66 13.82 0.52
C ASP A 151 -6.61 14.52 -0.35
N ARG A 152 -7.03 15.53 -1.10
CA ARG A 152 -6.17 16.16 -2.11
C ARG A 152 -6.13 17.68 -1.99
N SER A 153 -4.91 18.22 -1.97
CA SER A 153 -4.68 19.66 -1.89
C SER A 153 -3.36 20.02 -2.59
N PRO A 154 -3.13 21.32 -2.86
CA PRO A 154 -1.84 21.77 -3.40
C PRO A 154 -0.68 21.72 -2.40
N TYR A 155 -0.98 21.45 -1.13
CA TYR A 155 0.03 21.49 -0.07
C TYR A 155 0.62 20.12 0.26
N ARG A 156 0.03 19.07 -0.29
CA ARG A 156 0.48 17.70 -0.03
C ARG A 156 1.78 17.39 -0.79
N THR A 157 2.76 16.87 -0.06
CA THR A 157 4.04 16.50 -0.66
C THR A 157 4.44 15.08 -0.27
N LEU A 158 5.05 14.35 -1.21
CA LEU A 158 5.65 13.06 -0.92
C LEU A 158 7.04 13.27 -0.33
N MET A 159 7.25 12.72 0.86
CA MET A 159 8.55 12.78 1.53
C MET A 159 8.94 11.41 2.08
N SER A 160 10.22 11.24 2.38
CA SER A 160 10.69 9.98 2.99
C SER A 160 11.65 10.22 4.14
N CYS A 161 11.59 9.33 5.13
CA CYS A 161 12.55 9.33 6.23
C CYS A 161 13.01 7.87 6.45
N PRO A 162 14.10 7.66 7.22
CA PRO A 162 14.53 6.28 7.50
C PRO A 162 13.47 5.51 8.28
N ILE A 163 13.40 4.20 8.06
CA ILE A 163 12.37 3.36 8.68
C ILE A 163 12.37 3.44 10.21
N GLY A 164 11.17 3.46 10.79
CA GLY A 164 11.01 3.47 12.25
C GLY A 164 11.16 4.83 12.90
N GLU A 165 11.56 5.83 12.12
CA GLU A 165 11.71 7.20 12.61
C GLU A 165 10.43 7.98 12.34
N VAL A 166 10.21 9.04 13.12
CA VAL A 166 9.04 9.91 12.93
C VAL A 166 9.22 10.82 11.71
N PRO A 167 8.15 11.00 10.92
CA PRO A 167 8.20 11.93 9.81
C PRO A 167 8.30 13.37 10.30
N SER A 168 9.53 13.87 10.41
CA SER A 168 9.78 15.22 10.90
C SER A 168 10.37 16.10 9.79
N PRO A 169 10.09 17.41 9.82
CA PRO A 169 10.75 18.36 8.92
C PRO A 169 12.27 18.40 9.05
N TYR A 170 12.79 17.90 10.17
CA TYR A 170 14.23 17.96 10.45
C TYR A 170 15.00 16.70 10.03
N ASN A 171 14.28 15.62 9.76
CA ASN A 171 14.92 14.36 9.36
C ASN A 171 14.36 13.72 8.09
N SER A 172 13.46 14.41 7.41
CA SER A 172 12.83 13.87 6.20
C SER A 172 13.38 14.47 4.92
N ARG A 173 13.44 13.63 3.88
CA ARG A 173 13.90 14.01 2.55
C ARG A 173 12.69 14.28 1.66
N PHE A 174 12.72 15.40 0.96
CA PHE A 174 11.67 15.76 0.01
C PHE A 174 11.78 14.93 -1.27
N GLU A 175 10.63 14.47 -1.77
CA GLU A 175 10.58 13.64 -2.98
C GLU A 175 9.80 14.30 -4.12
N SER A 176 8.54 14.63 -3.87
CA SER A 176 7.66 15.23 -4.88
C SER A 176 6.51 16.02 -4.27
N VAL A 177 5.83 16.78 -5.10
CA VAL A 177 4.58 17.43 -4.72
C VAL A 177 3.47 16.50 -5.19
N ALA A 178 2.75 15.88 -4.24
CA ALA A 178 1.82 14.81 -4.57
C ALA A 178 0.71 14.58 -3.54
N TRP A 179 -0.48 14.28 -4.03
CA TRP A 179 -1.56 13.76 -3.19
C TRP A 179 -1.84 12.30 -3.47
N SER A 180 -1.04 11.73 -4.36
CA SER A 180 -1.02 10.30 -4.65
C SER A 180 0.39 9.94 -5.11
N ALA A 181 0.93 8.83 -4.62
CA ALA A 181 2.36 8.54 -4.80
C ALA A 181 2.74 7.06 -4.95
N SER A 182 3.94 6.84 -5.47
CA SER A 182 4.56 5.51 -5.59
C SER A 182 6.07 5.68 -5.69
N ALA A 183 6.82 4.76 -5.07
CA ALA A 183 8.29 4.82 -5.08
C ALA A 183 8.94 3.44 -5.08
N CYS A 184 10.10 3.32 -5.74
CA CYS A 184 10.86 2.08 -5.76
C CYS A 184 12.31 2.26 -6.22
N HIS A 185 13.18 1.35 -5.82
CA HIS A 185 14.59 1.39 -6.17
C HIS A 185 14.94 0.25 -7.09
N ASP A 186 15.53 0.56 -8.23
CA ASP A 186 15.86 -0.48 -9.22
C ASP A 186 17.20 -1.19 -8.97
N GLY A 187 17.93 -0.73 -7.97
CA GLY A 187 19.26 -1.25 -7.66
C GLY A 187 20.33 -0.19 -7.82
N ILE A 188 20.01 0.85 -8.60
CA ILE A 188 20.94 1.92 -8.88
C ILE A 188 20.44 3.24 -8.30
N ASN A 189 19.20 3.61 -8.61
CA ASN A 189 18.61 4.86 -8.13
C ASN A 189 17.13 4.75 -7.78
N TRP A 190 16.66 5.70 -6.98
CA TRP A 190 15.26 5.79 -6.60
C TRP A 190 14.40 6.30 -7.72
N LEU A 191 13.24 5.68 -7.90
CA LEU A 191 12.18 6.20 -8.74
C LEU A 191 11.03 6.64 -7.85
N THR A 192 10.58 7.88 -8.03
CA THR A 192 9.38 8.36 -7.35
C THR A 192 8.35 8.80 -8.38
N ILE A 193 7.08 8.59 -8.05
CA ILE A 193 5.96 9.05 -8.86
C ILE A 193 5.05 9.93 -8.00
N GLY A 194 4.91 11.19 -8.38
CA GLY A 194 4.09 12.13 -7.63
C GLY A 194 2.97 12.73 -8.46
N ILE A 195 1.72 12.45 -8.06
CA ILE A 195 0.57 12.99 -8.76
C ILE A 195 0.01 14.21 -8.03
N SER A 196 0.04 15.35 -8.72
CA SER A 196 -0.57 16.58 -8.22
C SER A 196 -1.35 17.24 -9.36
N GLY A 197 -2.06 18.33 -9.05
CA GLY A 197 -2.90 19.01 -10.03
C GLY A 197 -4.37 18.94 -9.68
N PRO A 198 -5.22 19.51 -10.55
CA PRO A 198 -6.68 19.46 -10.34
C PRO A 198 -7.24 18.05 -10.56
N ASP A 199 -8.44 17.80 -10.02
CA ASP A 199 -9.10 16.50 -10.15
C ASP A 199 -9.45 16.13 -11.59
N ASN A 200 -9.43 17.11 -12.49
CA ASN A 200 -9.78 16.89 -13.89
C ASN A 200 -8.61 17.02 -14.86
N GLY A 201 -7.39 17.11 -14.33
CA GLY A 201 -6.20 17.24 -15.17
C GLY A 201 -4.90 16.91 -14.46
N ALA A 202 -4.98 16.05 -13.46
CA ALA A 202 -3.83 15.65 -12.65
C ALA A 202 -2.66 15.12 -13.49
N VAL A 203 -1.45 15.41 -13.04
CA VAL A 203 -0.22 15.01 -13.74
C VAL A 203 0.70 14.21 -12.81
N ALA A 204 1.09 13.01 -13.27
CA ALA A 204 2.08 12.21 -12.56
C ALA A 204 3.46 12.66 -12.99
N VAL A 205 4.26 13.09 -12.03
CA VAL A 205 5.63 13.52 -12.30
C VAL A 205 6.59 12.42 -11.88
N LEU A 206 7.31 11.86 -12.85
CA LEU A 206 8.27 10.80 -12.60
C LEU A 206 9.68 11.35 -12.39
N LYS A 207 10.29 10.96 -11.26
CA LYS A 207 11.65 11.36 -10.95
C LYS A 207 12.56 10.14 -10.81
N TYR A 208 13.74 10.22 -11.41
CA TYR A 208 14.77 9.21 -11.25
C TYR A 208 16.01 9.89 -10.68
N ASN A 209 16.38 9.50 -9.47
CA ASN A 209 17.47 10.12 -8.72
C ASN A 209 17.22 11.62 -8.49
N GLY A 210 15.96 11.97 -8.23
CA GLY A 210 15.56 13.33 -7.91
C GLY A 210 15.35 14.26 -9.09
N ILE A 211 15.54 13.74 -10.30
CA ILE A 211 15.45 14.54 -11.52
C ILE A 211 14.26 14.09 -12.37
N ILE A 212 13.42 15.04 -12.78
CA ILE A 212 12.23 14.76 -13.57
C ILE A 212 12.62 14.11 -14.90
N THR A 213 12.06 12.93 -15.16
CA THR A 213 12.44 12.13 -16.32
C THR A 213 11.27 11.82 -17.26
N ASP A 214 10.05 12.00 -16.76
CA ASP A 214 8.84 11.78 -17.55
C ASP A 214 7.58 12.34 -16.88
N THR A 215 6.45 12.17 -17.56
CA THR A 215 5.17 12.76 -17.16
C THR A 215 3.99 11.98 -17.75
N ILE A 216 2.90 11.87 -16.98
CA ILE A 216 1.64 11.31 -17.48
C ILE A 216 0.46 12.16 -17.04
N LYS A 217 -0.34 12.60 -18.01
CA LYS A 217 -1.59 13.32 -17.73
C LYS A 217 -2.77 12.38 -17.58
N SER A 218 -3.72 12.79 -16.75
CA SER A 218 -5.00 12.11 -16.61
C SER A 218 -5.68 11.98 -17.98
N TRP A 219 -6.06 10.76 -18.32
CA TRP A 219 -6.66 10.49 -19.63
C TRP A 219 -8.17 10.33 -19.57
N ARG A 220 -8.73 10.38 -18.37
CA ARG A 220 -10.18 10.34 -18.17
C ARG A 220 -10.68 11.57 -17.42
N ASN A 221 -9.73 12.45 -17.06
CA ASN A 221 -10.02 13.70 -16.34
C ASN A 221 -10.83 13.48 -15.07
N ASN A 222 -10.49 12.41 -14.33
CA ASN A 222 -11.20 12.03 -13.13
C ASN A 222 -10.28 11.41 -12.07
N ARG A 223 -9.54 12.27 -11.38
CA ARG A 223 -8.66 11.91 -10.26
C ARG A 223 -7.67 10.78 -10.57
N LEU A 224 -6.68 11.09 -11.42
CA LEU A 224 -5.59 10.15 -11.70
C LEU A 224 -4.92 9.76 -10.39
N ARG A 225 -4.89 8.46 -10.11
CA ARG A 225 -4.39 7.96 -8.82
C ARG A 225 -3.55 6.69 -8.98
N THR A 226 -2.63 6.48 -8.05
CA THR A 226 -1.69 5.35 -8.12
C THR A 226 -1.66 4.49 -6.84
N GLN A 227 -0.60 3.70 -6.69
CA GLN A 227 -0.52 2.61 -5.71
C GLN A 227 -0.64 2.99 -4.24
N GLU A 228 -0.06 4.12 -3.86
CA GLU A 228 0.14 4.49 -2.44
C GLU A 228 1.02 3.46 -1.71
N SER A 229 1.72 2.64 -2.49
CA SER A 229 2.75 1.73 -1.96
C SER A 229 3.88 1.62 -2.98
N GLU A 230 4.91 0.87 -2.67
CA GLU A 230 6.00 0.76 -3.57
C GLU A 230 5.76 0.02 -4.84
N CYS A 231 6.39 0.50 -5.91
CA CYS A 231 6.36 -0.18 -7.20
C CYS A 231 7.30 -1.38 -7.18
N ALA A 232 7.18 -2.24 -8.20
CA ALA A 232 7.99 -3.45 -8.30
C ALA A 232 9.05 -3.32 -9.39
N CYS A 233 10.25 -3.82 -9.12
CA CYS A 233 11.34 -3.75 -10.11
C CYS A 233 11.95 -5.12 -10.40
N VAL A 234 12.14 -5.40 -11.70
CA VAL A 234 12.73 -6.65 -12.18
C VAL A 234 13.70 -6.35 -13.32
N ASN A 235 14.93 -6.88 -13.20
CA ASN A 235 15.96 -6.77 -14.24
C ASN A 235 16.06 -5.37 -14.89
N GLY A 236 16.16 -4.34 -14.05
CA GLY A 236 16.39 -2.97 -14.53
C GLY A 236 15.17 -2.15 -14.92
N SER A 237 13.99 -2.77 -14.90
CA SER A 237 12.73 -2.07 -15.16
C SER A 237 11.89 -1.98 -13.89
N CYS A 238 11.10 -0.93 -13.77
CA CYS A 238 10.15 -0.82 -12.66
C CYS A 238 8.71 -0.66 -13.15
N PHE A 239 7.78 -1.25 -12.41
CA PHE A 239 6.39 -1.38 -12.86
C PHE A 239 5.41 -0.79 -11.86
N THR A 240 4.39 -0.12 -12.39
CA THR A 240 3.33 0.47 -11.57
C THR A 240 1.96 0.31 -12.20
N VAL A 241 0.91 0.53 -11.40
CA VAL A 241 -0.48 0.52 -11.88
C VAL A 241 -1.15 1.84 -11.53
N MET A 242 -1.80 2.45 -12.52
CA MET A 242 -2.54 3.70 -12.31
C MET A 242 -4.00 3.57 -12.70
N THR A 243 -4.84 4.36 -12.04
CA THR A 243 -6.29 4.31 -12.23
C THR A 243 -6.84 5.71 -12.51
N ASP A 244 -7.75 5.79 -13.48
CA ASP A 244 -8.41 7.04 -13.83
C ASP A 244 -9.88 6.78 -14.13
N GLY A 245 -10.76 7.56 -13.51
CA GLY A 245 -12.20 7.38 -13.64
C GLY A 245 -12.93 7.38 -12.31
N PRO A 246 -14.20 6.94 -12.31
CA PRO A 246 -15.02 6.95 -11.09
C PRO A 246 -14.56 5.94 -10.04
N SER A 247 -14.98 6.16 -8.80
CA SER A 247 -14.65 5.26 -7.70
C SER A 247 -15.86 4.45 -7.23
N ASP A 248 -16.96 4.59 -7.96
CA ASP A 248 -18.19 3.84 -7.69
C ASP A 248 -18.76 3.26 -8.99
N GLY A 249 -17.90 3.07 -9.98
CA GLY A 249 -18.28 2.51 -11.27
C GLY A 249 -17.07 2.07 -12.06
N GLN A 250 -17.31 1.59 -13.28
CA GLN A 250 -16.24 1.16 -14.18
C GLN A 250 -15.27 2.31 -14.45
N ALA A 251 -13.98 2.02 -14.27
CA ALA A 251 -12.92 3.01 -14.51
C ALA A 251 -11.85 2.46 -15.46
N SER A 252 -10.80 3.23 -15.70
CA SER A 252 -9.72 2.83 -16.60
C SER A 252 -8.46 2.48 -15.81
N TYR A 253 -7.84 1.36 -16.15
CA TYR A 253 -6.68 0.85 -15.41
C TYR A 253 -5.51 0.56 -16.35
N LYS A 254 -4.35 1.15 -16.05
CA LYS A 254 -3.17 1.00 -16.90
C LYS A 254 -1.95 0.50 -16.12
N ILE A 255 -1.23 -0.43 -16.74
CA ILE A 255 0.04 -0.92 -16.22
C ILE A 255 1.17 -0.19 -16.96
N PHE A 256 2.16 0.27 -16.21
CA PHE A 256 3.30 0.98 -16.80
C PHE A 256 4.62 0.24 -16.60
N ARG A 257 5.46 0.25 -17.64
CA ARG A 257 6.83 -0.21 -17.54
C ARG A 257 7.77 0.98 -17.66
N ILE A 258 8.62 1.17 -16.65
CA ILE A 258 9.46 2.36 -16.53
C ILE A 258 10.94 1.97 -16.44
N GLU A 259 11.75 2.58 -17.28
CA GLU A 259 13.20 2.39 -17.24
C GLU A 259 13.91 3.72 -17.02
N LYS A 260 14.74 3.78 -15.99
CA LYS A 260 15.50 4.98 -15.61
C LYS A 260 14.61 6.23 -15.59
N GLY A 261 13.41 6.06 -15.05
CA GLY A 261 12.45 7.15 -14.91
C GLY A 261 11.60 7.45 -16.13
N LYS A 262 11.87 6.79 -17.24
CA LYS A 262 11.12 7.02 -18.48
C LYS A 262 10.19 5.85 -18.80
N ILE A 263 8.95 6.18 -19.18
CA ILE A 263 7.95 5.18 -19.57
C ILE A 263 8.29 4.64 -20.95
N VAL A 264 8.57 3.34 -21.01
CA VAL A 264 8.95 2.70 -22.26
C VAL A 264 7.81 1.88 -22.86
N LYS A 265 6.87 1.48 -22.00
CA LYS A 265 5.67 0.77 -22.43
C LYS A 265 4.54 0.93 -21.43
N SER A 266 3.31 0.97 -21.93
CA SER A 266 2.11 0.98 -21.11
C SER A 266 0.99 0.24 -21.81
N VAL A 267 0.17 -0.46 -21.03
CA VAL A 267 -0.97 -1.20 -21.57
C VAL A 267 -2.19 -0.92 -20.71
N GLU A 268 -3.32 -0.59 -21.35
CA GLU A 268 -4.59 -0.49 -20.65
C GLU A 268 -5.14 -1.89 -20.42
N MET A 269 -5.64 -2.14 -19.21
CA MET A 269 -6.19 -3.43 -18.86
C MET A 269 -7.61 -3.59 -19.40
N ASN A 270 -7.85 -4.73 -20.06
CA ASN A 270 -9.18 -5.09 -20.50
C ASN A 270 -9.92 -5.79 -19.36
N ALA A 271 -10.54 -4.97 -18.51
CA ALA A 271 -11.17 -5.49 -17.29
C ALA A 271 -12.58 -4.93 -17.06
N PRO A 272 -13.57 -5.40 -17.86
CA PRO A 272 -14.94 -4.98 -17.60
C PRO A 272 -15.52 -5.69 -16.38
N ASN A 273 -16.26 -4.93 -15.56
CA ASN A 273 -16.82 -5.40 -14.28
C ASN A 273 -15.78 -5.54 -13.16
N TYR A 274 -14.54 -5.15 -13.45
CA TYR A 274 -13.44 -5.14 -12.47
C TYR A 274 -13.21 -3.73 -11.96
N HIS A 275 -12.58 -3.62 -10.78
CA HIS A 275 -12.17 -2.31 -10.25
C HIS A 275 -10.87 -2.40 -9.51
N TYR A 276 -9.85 -1.72 -10.05
CA TYR A 276 -8.51 -1.73 -9.48
C TYR A 276 -8.13 -0.35 -8.95
N GLU A 277 -7.72 -0.31 -7.68
CA GLU A 277 -7.23 0.91 -7.04
C GLU A 277 -6.17 0.58 -6.00
N GLU A 278 -5.21 1.49 -5.83
CA GLU A 278 -4.20 1.41 -4.77
C GLU A 278 -3.58 0.02 -4.65
N CYS A 279 -2.92 -0.43 -5.72
CA CYS A 279 -2.38 -1.78 -5.78
C CYS A 279 -1.10 -1.95 -4.96
N SER A 280 -1.02 -3.06 -4.25
CA SER A 280 0.22 -3.49 -3.61
C SER A 280 0.86 -4.52 -4.53
N CYS A 281 1.97 -4.14 -5.15
CA CYS A 281 2.66 -4.97 -6.14
C CYS A 281 4.00 -5.44 -5.62
N TYR A 282 4.35 -6.69 -5.94
CA TYR A 282 5.64 -7.28 -5.55
C TYR A 282 6.23 -8.14 -6.68
N PRO A 283 7.57 -8.22 -6.77
CA PRO A 283 8.21 -9.11 -7.75
C PRO A 283 8.30 -10.56 -7.27
N ASP A 284 8.12 -11.49 -8.20
CA ASP A 284 8.19 -12.92 -7.93
C ASP A 284 8.50 -13.66 -9.23
N SER A 285 9.66 -14.31 -9.28
CA SER A 285 10.12 -15.10 -10.43
C SER A 285 10.07 -14.38 -11.79
N SER A 286 10.64 -13.17 -11.82
CA SER A 286 10.71 -12.32 -13.02
C SER A 286 9.35 -11.76 -13.47
N GLU A 287 8.35 -11.90 -12.60
CA GLU A 287 6.99 -11.40 -12.88
C GLU A 287 6.43 -10.63 -11.68
N ILE A 288 5.36 -9.87 -11.93
CA ILE A 288 4.79 -8.99 -10.91
C ILE A 288 3.35 -9.37 -10.58
N THR A 289 3.04 -9.43 -9.29
CA THR A 289 1.68 -9.69 -8.82
C THR A 289 1.21 -8.50 -7.99
N CYS A 290 0.07 -7.92 -8.39
CA CYS A 290 -0.55 -6.83 -7.65
C CYS A 290 -1.86 -7.27 -7.03
N VAL A 291 -2.04 -6.96 -5.75
CA VAL A 291 -3.32 -7.15 -5.07
C VAL A 291 -3.87 -5.76 -4.74
N CYS A 292 -5.08 -5.49 -5.21
CA CYS A 292 -5.61 -4.12 -5.24
C CYS A 292 -6.90 -3.93 -4.43
N ARG A 293 -7.55 -2.79 -4.67
CA ARG A 293 -8.78 -2.41 -3.99
C ARG A 293 -9.92 -2.21 -4.99
N ASP A 294 -11.00 -2.96 -4.79
CA ASP A 294 -12.23 -2.79 -5.55
C ASP A 294 -13.16 -1.91 -4.73
N ASN A 295 -13.19 -0.62 -5.05
CA ASN A 295 -14.03 0.34 -4.34
C ASN A 295 -15.47 0.33 -4.86
N TRP A 296 -15.64 -0.29 -6.03
CA TRP A 296 -16.92 -0.30 -6.74
C TRP A 296 -17.90 -1.28 -6.15
N HIS A 297 -17.66 -2.58 -6.35
CA HIS A 297 -18.60 -3.62 -5.89
C HIS A 297 -17.94 -4.91 -5.50
N GLY A 298 -16.84 -4.83 -4.76
CA GLY A 298 -16.10 -6.04 -4.39
C GLY A 298 -15.54 -6.00 -2.98
N SER A 299 -16.05 -6.88 -2.13
CA SER A 299 -15.56 -7.01 -0.76
C SER A 299 -14.36 -7.97 -0.68
N ASN A 300 -14.18 -8.75 -1.75
CA ASN A 300 -12.92 -9.48 -1.94
C ASN A 300 -12.00 -8.65 -2.82
N ARG A 301 -10.71 -8.97 -2.81
CA ARG A 301 -9.70 -8.16 -3.50
C ARG A 301 -9.41 -8.62 -4.93
N PRO A 302 -9.32 -7.66 -5.87
CA PRO A 302 -8.90 -7.97 -7.24
C PRO A 302 -7.38 -8.09 -7.33
N TRP A 303 -6.91 -8.90 -8.28
CA TRP A 303 -5.48 -9.02 -8.52
C TRP A 303 -5.13 -8.92 -9.98
N VAL A 304 -3.89 -8.53 -10.25
CA VAL A 304 -3.37 -8.51 -11.61
C VAL A 304 -1.91 -8.95 -11.66
N SER A 305 -1.62 -9.93 -12.51
CA SER A 305 -0.26 -10.43 -12.70
C SER A 305 0.21 -10.15 -14.11
N PHE A 306 1.49 -9.81 -14.25
CA PHE A 306 2.06 -9.55 -15.57
C PHE A 306 3.57 -9.82 -15.61
N ASN A 307 4.08 -10.09 -16.82
CA ASN A 307 5.52 -10.20 -17.05
C ASN A 307 6.09 -8.87 -17.51
N GLN A 308 7.38 -8.85 -17.86
CA GLN A 308 8.08 -7.63 -18.25
C GLN A 308 7.55 -6.99 -19.53
N ASN A 309 6.95 -7.80 -20.41
CA ASN A 309 6.34 -7.30 -21.64
C ASN A 309 4.90 -6.81 -21.42
N LEU A 310 4.46 -6.89 -20.16
CA LEU A 310 3.13 -6.43 -19.72
C LEU A 310 1.98 -7.33 -20.20
N GLU A 311 2.29 -8.60 -20.44
CA GLU A 311 1.26 -9.61 -20.71
C GLU A 311 0.63 -10.01 -19.39
N TYR A 312 -0.62 -9.62 -19.20
CA TYR A 312 -1.25 -9.69 -17.89
C TYR A 312 -2.35 -10.75 -17.76
N GLN A 313 -2.67 -11.07 -16.51
CA GLN A 313 -3.84 -11.86 -16.16
C GLN A 313 -4.60 -11.12 -15.07
N ILE A 314 -5.92 -11.27 -15.08
CA ILE A 314 -6.77 -10.60 -14.09
C ILE A 314 -7.68 -11.60 -13.37
N GLY A 315 -8.12 -11.23 -12.17
CA GLY A 315 -9.00 -12.08 -11.37
C GLY A 315 -9.16 -11.54 -9.96
N TYR A 316 -9.93 -12.28 -9.16
CA TYR A 316 -10.15 -11.93 -7.77
C TYR A 316 -9.65 -13.05 -6.88
N ILE A 317 -9.34 -12.72 -5.62
CA ILE A 317 -8.96 -13.72 -4.63
C ILE A 317 -10.23 -14.50 -4.25
N CYS A 318 -10.20 -15.81 -4.46
CA CYS A 318 -11.40 -16.65 -4.36
C CYS A 318 -11.80 -16.97 -2.91
N SER A 319 -10.87 -16.81 -1.98
CA SER A 319 -11.06 -17.18 -0.56
C SER A 319 -12.36 -16.69 0.06
N GLY A 320 -12.94 -17.52 0.92
CA GLY A 320 -14.13 -17.15 1.69
C GLY A 320 -13.80 -16.23 2.86
N ILE A 321 -12.51 -16.13 3.16
CA ILE A 321 -11.98 -15.15 4.11
C ILE A 321 -11.73 -13.87 3.32
N PHE A 322 -12.69 -12.95 3.37
CA PHE A 322 -12.64 -11.73 2.56
C PHE A 322 -11.61 -10.72 3.07
N GLY A 323 -10.94 -10.04 2.14
CA GLY A 323 -9.78 -9.21 2.46
C GLY A 323 -9.97 -7.71 2.62
N ASP A 324 -11.07 -7.17 2.09
CA ASP A 324 -11.32 -5.73 2.11
C ASP A 324 -12.07 -5.28 3.38
N ASN A 325 -12.34 -3.98 3.47
CA ASN A 325 -13.12 -3.40 4.56
C ASN A 325 -13.84 -2.14 4.05
N PRO A 326 -15.20 -2.12 4.14
CA PRO A 326 -16.12 -3.06 4.78
C PRO A 326 -16.27 -4.37 4.01
N ARG A 327 -16.78 -5.39 4.70
CA ARG A 327 -16.99 -6.72 4.13
C ARG A 327 -18.10 -7.47 4.87
N PRO A 328 -18.57 -8.61 4.32
CA PRO A 328 -19.52 -9.43 5.06
C PRO A 328 -18.82 -10.35 6.06
N ASN A 329 -19.56 -11.27 6.66
CA ASN A 329 -18.96 -12.34 7.45
C ASN A 329 -18.39 -13.40 6.50
N ASP A 330 -17.57 -14.29 7.01
CA ASP A 330 -16.93 -15.30 6.17
C ASP A 330 -17.87 -16.43 5.75
N LYS A 331 -18.35 -16.34 4.52
CA LYS A 331 -19.14 -17.39 3.89
C LYS A 331 -18.30 -18.03 2.77
N THR A 332 -18.96 -18.62 1.78
CA THR A 332 -18.28 -19.10 0.58
C THR A 332 -17.91 -17.90 -0.30
N GLY A 333 -16.67 -17.89 -0.76
CA GLY A 333 -16.15 -16.79 -1.58
C GLY A 333 -16.44 -16.96 -3.06
N SER A 334 -16.05 -15.95 -3.84
CA SER A 334 -16.24 -15.95 -5.28
C SER A 334 -14.94 -15.60 -5.99
N CYS A 335 -14.77 -16.11 -7.20
CA CYS A 335 -13.62 -15.77 -8.03
C CYS A 335 -13.88 -14.52 -8.86
N GLY A 336 -15.11 -14.01 -8.76
CA GLY A 336 -15.46 -12.68 -9.27
C GLY A 336 -15.70 -11.75 -8.09
N PRO A 337 -16.10 -10.49 -8.37
CA PRO A 337 -16.34 -9.54 -7.28
C PRO A 337 -17.52 -9.93 -6.39
N VAL A 338 -17.27 -10.01 -5.08
CA VAL A 338 -18.32 -10.28 -4.11
C VAL A 338 -19.09 -8.98 -3.85
N SER A 339 -20.25 -8.87 -4.48
CA SER A 339 -21.08 -7.66 -4.45
C SER A 339 -21.56 -7.27 -3.06
N SER A 340 -21.78 -8.27 -2.22
CA SER A 340 -22.26 -8.08 -0.85
C SER A 340 -21.26 -7.26 -0.03
N ASN A 341 -21.73 -6.15 0.55
CA ASN A 341 -20.88 -5.16 1.23
C ASN A 341 -19.70 -4.69 0.38
N GLY A 342 -19.93 -4.61 -0.93
CA GLY A 342 -18.87 -4.37 -1.91
C GLY A 342 -18.44 -2.93 -2.11
N ALA A 343 -19.38 -2.00 -1.93
CA ALA A 343 -19.11 -0.57 -2.08
C ALA A 343 -18.08 -0.10 -1.05
N ASN A 344 -17.33 0.95 -1.42
CA ASN A 344 -16.20 1.45 -0.61
C ASN A 344 -15.06 0.44 -0.47
N GLY A 345 -14.12 0.72 0.43
CA GLY A 345 -13.00 -0.18 0.66
C GLY A 345 -11.83 0.43 1.41
N VAL A 346 -10.72 -0.29 1.41
CA VAL A 346 -9.47 0.14 2.03
C VAL A 346 -8.32 -0.52 1.27
N LYS A 347 -7.19 0.17 1.19
CA LYS A 347 -6.01 -0.40 0.53
C LYS A 347 -5.47 -1.57 1.33
N GLY A 348 -5.13 -2.65 0.62
CA GLY A 348 -4.57 -3.84 1.25
C GLY A 348 -3.56 -4.57 0.40
N PHE A 349 -3.23 -5.79 0.81
CA PHE A 349 -2.24 -6.63 0.13
C PHE A 349 -2.53 -8.10 0.37
N SER A 350 -1.85 -8.95 -0.40
CA SER A 350 -1.89 -10.40 -0.26
C SER A 350 -0.70 -11.01 -0.99
N PHE A 351 -0.16 -12.09 -0.44
CA PHE A 351 0.94 -12.80 -1.09
C PHE A 351 0.48 -14.17 -1.61
N LYS A 352 0.65 -14.39 -2.91
CA LYS A 352 0.33 -15.67 -3.54
C LYS A 352 1.45 -16.68 -3.37
N TYR A 353 1.10 -17.86 -2.87
CA TYR A 353 2.01 -19.01 -2.80
C TYR A 353 1.30 -20.20 -3.41
N GLY A 354 1.52 -20.42 -4.71
CA GLY A 354 0.79 -21.45 -5.46
C GLY A 354 -0.69 -21.16 -5.46
N ASN A 355 -1.47 -22.12 -4.95
CA ASN A 355 -2.91 -21.94 -4.79
C ASN A 355 -3.27 -21.30 -3.45
N GLY A 356 -2.25 -21.06 -2.62
CA GLY A 356 -2.45 -20.46 -1.30
C GLY A 356 -2.17 -18.98 -1.24
N VAL A 357 -2.72 -18.32 -0.22
CA VAL A 357 -2.58 -16.87 -0.07
C VAL A 357 -2.40 -16.42 1.39
N TRP A 358 -1.46 -15.50 1.61
CA TRP A 358 -1.32 -14.79 2.88
C TRP A 358 -2.14 -13.53 2.84
N ILE A 359 -3.32 -13.56 3.47
CA ILE A 359 -4.20 -12.40 3.50
C ILE A 359 -3.92 -11.57 4.75
N GLY A 360 -3.70 -10.28 4.56
CA GLY A 360 -3.67 -9.33 5.67
C GLY A 360 -4.94 -8.51 5.61
N ARG A 361 -5.64 -8.40 6.74
CA ARG A 361 -6.90 -7.67 6.76
C ARG A 361 -7.22 -7.07 8.12
N THR A 362 -8.15 -6.11 8.12
CA THR A 362 -8.70 -5.56 9.35
C THR A 362 -9.46 -6.66 10.09
N LYS A 363 -9.53 -6.56 11.42
CA LYS A 363 -10.30 -7.52 12.21
C LYS A 363 -11.79 -7.22 12.13
N SER A 364 -12.14 -5.94 12.18
CA SER A 364 -13.53 -5.49 12.04
C SER A 364 -14.03 -5.62 10.60
N ILE A 365 -15.33 -5.80 10.45
CA ILE A 365 -15.95 -5.95 9.13
C ILE A 365 -16.69 -4.68 8.68
N SER A 366 -16.79 -3.70 9.57
CA SER A 366 -17.52 -2.46 9.28
C SER A 366 -16.68 -1.19 9.36
N SER A 367 -15.57 -1.24 10.10
CA SER A 367 -14.67 -0.09 10.19
C SER A 367 -13.19 -0.51 10.16
N ARG A 368 -12.31 0.50 10.10
CA ARG A 368 -10.86 0.27 10.03
C ARG A 368 -10.26 0.05 11.41
N ASN A 369 -10.52 -1.14 11.96
CA ASN A 369 -10.09 -1.51 13.30
C ASN A 369 -9.44 -2.88 13.33
N GLY A 370 -8.30 -2.97 14.01
CA GLY A 370 -7.55 -4.23 14.12
C GLY A 370 -6.87 -4.64 12.83
N PHE A 371 -6.01 -5.65 12.94
CA PHE A 371 -5.33 -6.23 11.78
C PHE A 371 -4.85 -7.64 12.09
N GLU A 372 -4.91 -8.51 11.08
CA GLU A 372 -4.51 -9.90 11.23
C GLU A 372 -3.96 -10.51 9.95
N MET A 373 -2.96 -11.38 10.10
CA MET A 373 -2.43 -12.16 8.98
C MET A 373 -3.03 -13.55 8.99
N ILE A 374 -3.57 -13.97 7.85
CA ILE A 374 -4.23 -15.27 7.74
C ILE A 374 -3.66 -16.08 6.58
N TRP A 375 -3.33 -17.34 6.84
CA TRP A 375 -2.80 -18.24 5.81
C TRP A 375 -3.84 -19.23 5.37
N ASP A 376 -4.37 -19.01 4.18
CA ASP A 376 -5.31 -19.93 3.56
C ASP A 376 -4.56 -20.72 2.47
N PRO A 377 -4.29 -22.01 2.72
CA PRO A 377 -3.51 -22.86 1.81
C PRO A 377 -4.16 -23.04 0.44
N ASN A 378 -5.46 -22.72 0.33
CA ASN A 378 -6.20 -22.86 -0.91
C ASN A 378 -6.96 -21.59 -1.31
N GLY A 379 -6.64 -20.48 -0.65
CA GLY A 379 -7.39 -19.23 -0.77
C GLY A 379 -7.32 -18.48 -2.09
N TRP A 380 -6.24 -18.67 -2.85
CA TRP A 380 -6.05 -17.94 -4.09
C TRP A 380 -6.97 -18.40 -5.19
N THR A 381 -7.21 -19.72 -5.26
CA THR A 381 -8.04 -20.30 -6.32
C THR A 381 -9.30 -21.00 -5.80
N GLY A 382 -9.27 -21.40 -4.53
CA GLY A 382 -10.42 -22.06 -3.89
C GLY A 382 -11.32 -21.07 -3.15
N THR A 383 -12.58 -21.44 -2.96
CA THR A 383 -13.60 -20.50 -2.49
C THR A 383 -14.13 -20.71 -1.06
N ASP A 384 -13.64 -21.72 -0.37
CA ASP A 384 -14.08 -21.99 1.01
C ASP A 384 -13.47 -21.02 2.02
N ASN A 385 -14.03 -21.00 3.23
CA ASN A 385 -13.54 -20.13 4.30
C ASN A 385 -12.75 -20.87 5.37
N ASP A 386 -11.73 -21.60 4.95
CA ASP A 386 -10.84 -22.31 5.86
C ASP A 386 -9.43 -21.70 5.85
N PHE A 387 -8.77 -21.77 7.01
CA PHE A 387 -7.40 -21.28 7.17
C PHE A 387 -6.67 -22.12 8.20
N SER A 388 -5.35 -22.22 8.05
CA SER A 388 -4.54 -23.01 8.98
C SER A 388 -3.69 -22.18 9.95
N ILE A 389 -3.48 -20.91 9.63
CA ILE A 389 -2.75 -19.98 10.52
C ILE A 389 -3.43 -18.61 10.61
N LYS A 390 -3.56 -18.10 11.84
CA LYS A 390 -3.97 -16.72 12.08
C LYS A 390 -3.00 -16.07 13.06
N GLN A 391 -2.46 -14.90 12.69
CA GLN A 391 -1.56 -14.16 13.56
C GLN A 391 -2.11 -12.75 13.82
N ASP A 392 -2.29 -12.42 15.10
CA ASP A 392 -2.75 -11.09 15.49
C ASP A 392 -1.66 -10.04 15.33
N ILE A 393 -2.07 -8.86 14.87
CA ILE A 393 -1.16 -7.75 14.62
C ILE A 393 -1.61 -6.51 15.41
N VAL A 394 -2.89 -6.17 15.25
CA VAL A 394 -3.51 -5.07 15.98
C VAL A 394 -4.83 -5.58 16.55
N GLY A 395 -5.12 -5.23 17.80
CA GLY A 395 -6.33 -5.68 18.49
C GLY A 395 -7.63 -5.18 17.87
N ILE A 396 -8.70 -5.93 18.11
CA ILE A 396 -10.04 -5.64 17.54
C ILE A 396 -10.57 -4.24 17.85
N ASN A 397 -10.25 -3.73 19.05
CA ASN A 397 -10.71 -2.41 19.49
C ASN A 397 -9.76 -1.25 19.17
N GLU A 398 -8.64 -1.56 18.53
CA GLU A 398 -7.63 -0.56 18.20
C GLU A 398 -7.67 -0.16 16.73
N TRP A 399 -7.41 1.12 16.47
CA TRP A 399 -7.47 1.69 15.12
C TRP A 399 -6.40 1.15 14.22
N SER A 400 -6.78 0.80 13.00
CA SER A 400 -5.82 0.48 11.96
C SER A 400 -6.08 1.37 10.74
N GLY A 401 -6.01 0.80 9.54
CA GLY A 401 -6.09 1.65 8.36
C GLY A 401 -5.48 0.96 7.16
N TYR A 402 -4.76 1.74 6.36
CA TYR A 402 -4.08 1.22 5.16
C TYR A 402 -3.16 0.08 5.47
N SER A 403 -2.97 -0.88 4.57
CA SER A 403 -1.83 -1.78 4.64
C SER A 403 -1.27 -2.00 3.25
N GLY A 404 -0.02 -2.43 3.18
CA GLY A 404 0.64 -2.65 1.90
C GLY A 404 1.79 -3.63 1.99
N SER A 405 2.14 -4.21 0.85
CA SER A 405 3.27 -5.12 0.76
C SER A 405 4.54 -4.33 0.51
N PHE A 406 5.64 -4.76 1.07
CA PHE A 406 6.99 -4.52 0.57
C PHE A 406 7.90 -5.72 0.57
N VAL A 407 8.91 -5.71 -0.25
CA VAL A 407 9.82 -6.80 -0.37
C VAL A 407 11.22 -6.35 -0.10
N GLN A 408 12.03 -7.27 0.39
CA GLN A 408 13.44 -7.13 0.43
C GLN A 408 14.08 -8.11 -0.48
N HIS A 409 14.92 -7.65 -1.40
CA HIS A 409 15.58 -8.45 -2.42
C HIS A 409 16.80 -9.16 -1.90
N PRO A 410 17.23 -10.24 -2.58
CA PRO A 410 18.46 -11.00 -2.26
C PRO A 410 19.72 -10.14 -2.11
N GLU A 411 19.89 -9.15 -2.99
CA GLU A 411 21.07 -8.29 -2.96
C GLU A 411 21.07 -7.29 -1.79
N LEU A 412 20.03 -7.35 -0.96
CA LEU A 412 19.98 -6.62 0.30
C LEU A 412 20.16 -7.56 1.50
N THR A 413 19.48 -8.70 1.45
CA THR A 413 19.46 -9.64 2.58
C THR A 413 20.58 -10.67 2.56
N GLY A 414 21.07 -11.01 1.38
CA GLY A 414 22.04 -12.09 1.23
C GLY A 414 21.38 -13.45 1.05
N LEU A 415 20.06 -13.49 1.20
CA LEU A 415 19.26 -14.70 1.01
C LEU A 415 19.11 -15.00 -0.48
N ASP A 416 18.74 -16.23 -0.81
CA ASP A 416 18.57 -16.64 -2.21
C ASP A 416 17.12 -16.55 -2.69
N CYS A 417 16.26 -15.96 -1.86
CA CYS A 417 14.86 -15.74 -2.20
C CYS A 417 14.45 -14.31 -1.89
N ILE A 418 13.28 -13.92 -2.37
CA ILE A 418 12.73 -12.59 -2.12
C ILE A 418 11.86 -12.60 -0.86
N ARG A 419 12.26 -11.83 0.14
CA ARG A 419 11.55 -11.79 1.42
C ARG A 419 10.31 -10.90 1.38
N PRO A 420 9.14 -11.46 1.73
CA PRO A 420 7.92 -10.67 1.82
C PRO A 420 7.79 -9.95 3.17
N CYS A 421 7.45 -8.67 3.12
CA CYS A 421 7.18 -7.89 4.31
C CYS A 421 5.91 -7.08 4.10
N PHE A 422 5.41 -6.46 5.17
CA PHE A 422 4.27 -5.56 5.06
C PHE A 422 4.28 -4.46 6.11
N TRP A 423 3.55 -3.39 5.83
CA TRP A 423 3.34 -2.31 6.79
C TRP A 423 1.87 -2.11 7.04
N VAL A 424 1.54 -1.49 8.17
CA VAL A 424 0.17 -1.11 8.48
C VAL A 424 0.13 0.35 8.92
N GLU A 425 -0.75 1.13 8.28
CA GLU A 425 -1.04 2.49 8.72
C GLU A 425 -2.10 2.44 9.82
N LEU A 426 -1.84 3.16 10.90
CA LEU A 426 -2.80 3.27 12.01
C LEU A 426 -3.39 4.68 12.06
N ILE A 427 -4.57 4.84 11.48
CA ILE A 427 -5.20 6.15 11.32
C ILE A 427 -5.83 6.64 12.62
N ARG A 428 -5.55 7.90 12.97
CA ARG A 428 -6.15 8.56 14.13
C ARG A 428 -6.79 9.88 13.73
N GLY A 429 -7.89 10.23 14.40
CA GLY A 429 -8.58 11.49 14.13
C GLY A 429 -9.86 11.30 13.33
N ARG A 430 -10.14 12.26 12.45
CA ARG A 430 -11.36 12.23 11.64
C ARG A 430 -11.33 11.09 10.61
N PRO A 431 -12.50 10.52 10.26
CA PRO A 431 -13.84 10.91 10.69
C PRO A 431 -14.29 10.30 12.02
N LYS A 432 -13.58 9.28 12.49
CA LYS A 432 -14.01 8.49 13.64
C LYS A 432 -13.77 9.13 15.02
N GLU A 433 -12.86 10.10 15.09
CA GLU A 433 -12.54 10.74 16.37
C GLU A 433 -12.80 12.24 16.39
N ASN A 434 -13.12 12.77 17.57
CA ASN A 434 -13.49 14.17 17.75
C ASN A 434 -12.31 15.14 17.71
N THR A 435 -11.70 15.27 16.53
CA THR A 435 -10.57 16.16 16.33
C THR A 435 -10.78 17.03 15.09
N ILE A 436 -9.89 18.00 14.88
CA ILE A 436 -9.93 18.84 13.68
C ILE A 436 -9.02 18.27 12.59
N TRP A 437 -8.31 17.19 12.92
CA TRP A 437 -7.29 16.63 12.05
C TRP A 437 -7.41 15.14 11.83
N THR A 438 -6.62 14.66 10.86
CA THR A 438 -6.52 13.24 10.54
C THR A 438 -5.05 12.96 10.22
N SER A 439 -4.52 11.90 10.81
CA SER A 439 -3.14 11.48 10.58
C SER A 439 -3.00 9.99 10.85
N GLY A 440 -1.79 9.46 10.63
CA GLY A 440 -1.53 8.05 10.87
C GLY A 440 -0.08 7.74 11.17
N SER A 441 0.13 6.78 12.07
CA SER A 441 1.47 6.25 12.33
C SER A 441 1.60 4.89 11.64
N SER A 442 2.76 4.26 11.75
CA SER A 442 3.02 3.03 11.00
C SER A 442 3.76 1.95 11.79
N ILE A 443 3.33 0.71 11.60
CA ILE A 443 4.05 -0.47 12.06
C ILE A 443 4.43 -1.30 10.83
N SER A 444 5.49 -2.09 10.94
CA SER A 444 5.88 -2.97 9.83
C SER A 444 6.41 -4.32 10.31
N PHE A 445 6.17 -5.34 9.49
CA PHE A 445 6.55 -6.72 9.82
C PHE A 445 7.23 -7.36 8.62
N CYS A 446 8.16 -8.27 8.89
CA CYS A 446 8.77 -9.07 7.82
C CYS A 446 8.56 -10.56 8.02
N GLY A 447 8.37 -11.27 6.92
CA GLY A 447 8.06 -12.70 6.93
C GLY A 447 9.25 -13.60 7.19
N VAL A 448 9.20 -14.33 8.29
CA VAL A 448 10.26 -15.27 8.67
C VAL A 448 9.76 -16.71 8.72
N ASN A 449 10.71 -17.64 8.68
CA ASN A 449 10.39 -19.06 8.76
C ASN A 449 10.79 -19.66 10.11
N SER A 450 10.72 -18.83 11.15
CA SER A 450 11.00 -19.25 12.52
C SER A 450 9.89 -18.77 13.46
N ASP A 451 10.04 -19.02 14.76
CA ASP A 451 9.00 -18.73 15.76
C ASP A 451 8.57 -17.27 15.79
N THR A 452 7.26 -17.04 15.92
CA THR A 452 6.71 -15.68 16.01
C THR A 452 5.56 -15.64 17.02
N VAL A 453 4.97 -14.47 17.21
CA VAL A 453 3.85 -14.31 18.15
C VAL A 453 2.82 -13.27 17.70
N GLY A 454 1.55 -13.56 17.99
CA GLY A 454 0.47 -12.60 17.81
C GLY A 454 0.39 -11.69 19.02
N TRP A 455 0.11 -10.41 18.76
CA TRP A 455 -0.04 -9.41 19.81
C TRP A 455 -0.73 -8.21 19.23
N SER A 456 -0.97 -7.20 20.06
CA SER A 456 -1.51 -5.94 19.59
C SER A 456 -0.48 -4.83 19.73
N TRP A 457 -0.11 -4.23 18.61
CA TRP A 457 0.80 -3.07 18.58
C TRP A 457 0.04 -1.87 18.10
N PRO A 458 -0.76 -1.25 18.99
CA PRO A 458 -1.62 -0.15 18.56
C PRO A 458 -0.88 1.18 18.41
N ASP A 459 -1.62 2.20 17.96
CA ASP A 459 -1.09 3.55 17.81
C ASP A 459 -0.60 4.11 19.15
N GLY A 460 -1.49 4.13 20.14
CA GLY A 460 -1.12 4.50 21.50
C GLY A 460 -1.30 5.95 21.90
N ALA A 461 -1.74 6.79 20.95
CA ALA A 461 -1.96 8.20 21.24
C ALA A 461 -3.28 8.43 21.97
N GLU A 462 -3.29 9.44 22.83
CA GLU A 462 -4.45 9.78 23.64
C GLU A 462 -5.11 11.05 23.08
N LEU A 463 -6.19 10.85 22.31
CA LEU A 463 -6.93 11.96 21.70
C LEU A 463 -8.11 12.37 22.59
N PRO A 464 -8.55 13.64 22.50
CA PRO A 464 -8.10 14.74 21.63
C PRO A 464 -6.79 15.40 22.08
N PHE A 465 -6.21 16.20 21.18
CA PHE A 465 -4.98 16.95 21.44
C PHE A 465 -5.31 18.37 21.89
N THR A 466 -4.32 19.06 22.45
CA THR A 466 -4.46 20.46 22.89
C THR A 466 -5.13 21.35 21.85
N ILE A 467 -4.84 21.08 20.57
CA ILE A 467 -5.35 21.87 19.45
C ILE A 467 -6.86 21.66 19.21
N ASP A 468 -7.43 20.62 19.79
CA ASP A 468 -8.84 20.27 19.54
C ASP A 468 -9.82 20.91 20.52
C1 NAG B . 19.12 -14.76 -10.91
C2 NAG B . 18.67 -16.10 -11.45
C3 NAG B . 19.91 -16.97 -11.76
C4 NAG B . 21.16 -16.24 -12.27
C5 NAG B . 21.26 -14.76 -11.84
C6 NAG B . 22.18 -13.94 -12.75
C7 NAG B . 17.05 -17.78 -10.66
C8 NAG B . 16.35 -18.35 -9.45
N2 NAG B . 17.91 -16.79 -10.43
O3 NAG B . 19.56 -17.98 -12.67
O4 NAG B . 22.33 -16.91 -11.83
O5 NAG B . 20.00 -14.15 -11.83
O6 NAG B . 21.60 -13.79 -14.03
O7 NAG B . 16.80 -18.24 -11.78
C1 NAG C . -10.98 24.90 11.88
C2 NAG C . -10.91 25.93 13.01
C3 NAG C . -12.31 26.35 13.44
C4 NAG C . -13.17 26.77 12.25
C5 NAG C . -13.13 25.70 11.15
C6 NAG C . -13.90 26.13 9.90
C7 NAG C . -8.93 25.75 14.46
C8 NAG C . -8.35 25.12 15.69
N2 NAG C . -10.18 25.41 14.16
O3 NAG C . -12.21 27.41 14.37
O4 NAG C . -14.50 27.01 12.70
O5 NAG C . -11.77 25.42 10.81
O6 NAG C . -13.09 26.04 8.74
O7 NAG C . -8.24 26.51 13.78
C1 NAG D . 17.36 -8.16 -18.81
C2 NAG D . 16.90 -9.59 -18.83
C3 NAG D . 18.11 -10.54 -18.84
C4 NAG D . 19.11 -10.02 -19.86
C5 NAG D . 19.71 -8.71 -19.33
C6 NAG D . 20.33 -7.84 -20.43
C7 NAG D . 15.05 -10.48 -17.49
C8 NAG D . 14.66 -11.42 -18.61
N2 NAG D . 16.10 -9.64 -17.64
O3 NAG D . 17.73 -11.86 -19.14
O4 NAG D . 20.13 -10.97 -20.09
O5 NAG D . 18.76 -7.98 -18.54
O6 NAG D . 19.36 -7.08 -21.10
O7 NAG D . 14.38 -10.53 -16.45
C1 ZMR E . -9.31 6.51 1.87
O1A ZMR E . -8.85 6.71 3.01
O1B ZMR E . -10.21 5.66 1.66
C2 ZMR E . -8.82 7.28 0.73
C3 ZMR E . -7.71 8.04 0.81
C4 ZMR E . -6.92 8.39 -0.45
C5 ZMR E . -7.87 8.48 -1.65
N5 ZMR E . -7.15 8.69 -2.89
C10 ZMR E . -7.15 9.84 -3.57
O10 ZMR E . -7.85 10.80 -3.25
C11 ZMR E . -6.25 9.90 -4.76
C6 ZMR E . -8.76 7.24 -1.69
O6 ZMR E . -9.56 7.19 -0.52
C7 ZMR E . -9.69 7.18 -2.91
O7 ZMR E . -10.62 8.28 -2.82
C8 ZMR E . -10.45 5.86 -2.96
O8 ZMR E . -9.58 4.79 -3.34
C9 ZMR E . -11.63 5.88 -3.93
O9 ZMR E . -11.15 6.19 -5.25
NE ZMR E . -6.26 9.69 -0.33
CZ ZMR E . -5.10 9.94 -0.78
NH1 ZMR E . -4.59 11.15 -0.62
NH2 ZMR E . -4.40 9.01 -1.44
CA CA F . -14.57 -2.88 -1.71
#